data_1KKE
#
_entry.id   1KKE
#
_cell.length_a   52.7
_cell.length_b   89.0
_cell.length_c   119.8
_cell.angle_alpha   90
_cell.angle_beta   90
_cell.angle_gamma   90
#
_symmetry.space_group_name_H-M   'P 21 21 21'
#
loop_
_entity.id
_entity.type
_entity.pdbx_description
1 polymer 'SIGMA 1 PROTEIN'
2 water water
#
_entity_poly.entity_id   1
_entity_poly.type   'polypeptide(L)'
_entity_poly.pdbx_seq_one_letter_code
;IGATEQSYVASAVTPLRLNSSTKVLDMLIDSSTLEINSSGQLTVRSTSPNLRYPIADVSGGIGMSPNYRFRQSMWIGIVS
YSGSGLNWRVQVNSDIFIVDDYIHICLPAFDGFSIADGGDLSLNFVTGLLPPLLTGDTEPAFHNDVVTYGAQTVAIGLSS
GGAPQYMSKNLWVEQWQDGVLRLRVEGGGSITHSNSKWPAMTVSYPRSFT
;
_entity_poly.pdbx_strand_id   A,B,C
#
# COMPACT_ATOMS: atom_id res chain seq x y z
N GLU A 5 38.76 -42.09 -28.18
CA GLU A 5 37.73 -43.09 -27.89
C GLU A 5 37.02 -43.45 -29.20
N GLN A 6 36.50 -42.44 -29.89
CA GLN A 6 35.77 -42.58 -31.16
C GLN A 6 36.28 -41.53 -32.13
N SER A 7 35.70 -41.51 -33.33
CA SER A 7 36.06 -40.54 -34.36
C SER A 7 34.82 -40.16 -35.18
N TYR A 8 34.73 -38.90 -35.56
CA TYR A 8 33.58 -38.40 -36.31
C TYR A 8 34.05 -37.70 -37.57
N VAL A 9 33.21 -37.74 -38.60
CA VAL A 9 33.53 -37.12 -39.88
C VAL A 9 33.46 -35.59 -39.71
N ALA A 10 34.43 -34.89 -40.29
CA ALA A 10 34.51 -33.43 -40.22
C ALA A 10 33.32 -32.72 -40.85
N SER A 11 32.56 -33.45 -41.65
CA SER A 11 31.40 -32.92 -42.34
C SER A 11 30.21 -32.50 -41.46
N ALA A 12 30.02 -33.08 -40.27
CA ALA A 12 28.89 -32.65 -39.46
C ALA A 12 29.47 -31.77 -38.36
N VAL A 13 29.15 -30.48 -38.39
CA VAL A 13 29.66 -29.54 -37.40
C VAL A 13 28.86 -29.65 -36.10
N THR A 14 29.54 -29.61 -34.97
CA THR A 14 28.89 -29.69 -33.66
C THR A 14 27.82 -28.60 -33.56
N PRO A 15 26.77 -28.82 -32.76
CA PRO A 15 26.46 -30.00 -31.94
C PRO A 15 26.15 -31.30 -32.69
N LEU A 16 26.16 -31.25 -34.01
CA LEU A 16 25.89 -32.45 -34.81
C LEU A 16 27.17 -33.25 -34.88
N ARG A 17 27.02 -34.57 -35.01
CA ARG A 17 28.19 -35.43 -35.16
C ARG A 17 27.85 -36.72 -35.87
N LEU A 18 28.59 -36.97 -36.94
CA LEU A 18 28.41 -38.16 -37.76
C LEU A 18 29.50 -39.14 -37.39
N ASN A 19 29.09 -40.30 -36.87
CA ASN A 19 30.05 -41.33 -36.51
C ASN A 19 30.59 -41.93 -37.79
N SER A 20 31.89 -41.78 -38.05
CA SER A 20 32.48 -42.29 -39.28
C SER A 20 32.37 -43.79 -39.50
N SER A 21 32.29 -44.58 -38.42
CA SER A 21 32.17 -46.04 -38.51
C SER A 21 30.74 -46.50 -38.72
N THR A 22 29.87 -46.22 -37.75
CA THR A 22 28.47 -46.61 -37.80
C THR A 22 27.65 -45.71 -38.73
N LYS A 23 28.21 -44.54 -39.03
CA LYS A 23 27.55 -43.55 -39.88
C LYS A 23 26.17 -43.12 -39.39
N VAL A 24 26.05 -43.13 -38.06
CA VAL A 24 24.85 -42.71 -37.37
C VAL A 24 25.05 -41.23 -37.07
N LEU A 25 24.01 -40.44 -37.35
CA LEU A 25 24.04 -39.01 -37.13
C LEU A 25 23.23 -38.66 -35.90
N ASP A 26 23.85 -38.01 -34.92
CA ASP A 26 23.15 -37.61 -33.71
C ASP A 26 23.54 -36.18 -33.32
N MET A 27 23.00 -35.72 -32.20
CA MET A 27 23.26 -34.36 -31.75
C MET A 27 23.66 -34.34 -30.27
N LEU A 28 24.59 -33.47 -29.93
CA LEU A 28 25.05 -33.35 -28.55
C LEU A 28 24.24 -32.24 -27.88
N ILE A 29 23.60 -32.59 -26.78
CA ILE A 29 22.73 -31.70 -26.04
C ILE A 29 23.15 -31.58 -24.57
N ASP A 30 23.14 -30.37 -24.01
CA ASP A 30 23.46 -30.21 -22.60
C ASP A 30 22.19 -30.61 -21.85
N SER A 31 22.20 -31.80 -21.27
CA SER A 31 21.04 -32.30 -20.55
C SER A 31 20.57 -31.47 -19.36
N SER A 32 21.42 -30.61 -18.81
CA SER A 32 21.00 -29.79 -17.69
C SER A 32 20.10 -28.64 -18.13
N THR A 33 20.09 -28.38 -19.43
CA THR A 33 19.33 -27.27 -19.96
C THR A 33 18.30 -27.72 -21.02
N LEU A 34 18.59 -28.82 -21.69
CA LEU A 34 17.74 -29.35 -22.74
C LEU A 34 17.43 -30.81 -22.52
N GLU A 35 16.32 -31.26 -23.11
CA GLU A 35 15.91 -32.66 -23.00
C GLU A 35 15.13 -33.04 -24.26
N ILE A 36 14.84 -34.32 -24.39
CA ILE A 36 14.10 -34.81 -25.53
C ILE A 36 12.76 -35.37 -25.09
N ASN A 37 11.73 -34.92 -25.77
CA ASN A 37 10.35 -35.33 -25.55
C ASN A 37 10.10 -36.80 -25.73
N SER A 38 8.89 -37.20 -25.34
CA SER A 38 8.43 -38.56 -25.51
C SER A 38 8.12 -38.65 -27.01
N SER A 39 7.87 -37.49 -27.61
CA SER A 39 7.58 -37.38 -29.04
C SER A 39 8.88 -37.20 -29.83
N GLY A 40 10.02 -37.30 -29.13
CA GLY A 40 11.30 -37.16 -29.79
C GLY A 40 11.67 -35.74 -30.17
N GLN A 41 11.03 -34.77 -29.55
CA GLN A 41 11.30 -33.37 -29.85
C GLN A 41 12.27 -32.77 -28.86
N LEU A 42 13.08 -31.84 -29.33
CA LEU A 42 14.03 -31.16 -28.48
C LEU A 42 13.23 -30.09 -27.72
N THR A 43 13.40 -30.02 -26.41
CA THR A 43 12.67 -29.04 -25.62
C THR A 43 13.54 -28.45 -24.50
N VAL A 44 13.18 -27.26 -24.04
CA VAL A 44 13.91 -26.58 -22.96
C VAL A 44 13.43 -27.11 -21.61
N ARG A 45 14.35 -27.27 -20.68
CA ARG A 45 13.96 -27.77 -19.36
C ARG A 45 13.22 -26.72 -18.55
N SER A 46 12.01 -27.08 -18.15
CA SER A 46 11.14 -26.23 -17.35
C SER A 46 11.73 -25.95 -15.98
N THR A 47 11.98 -24.68 -15.70
CA THR A 47 12.55 -24.26 -14.43
C THR A 47 11.47 -23.73 -13.49
N SER A 48 11.64 -24.00 -12.20
CA SER A 48 10.69 -23.54 -11.21
C SER A 48 11.32 -22.32 -10.53
N PRO A 49 10.66 -21.15 -10.63
CA PRO A 49 11.20 -19.93 -10.00
C PRO A 49 10.97 -19.90 -8.49
N ASN A 50 11.95 -19.39 -7.75
CA ASN A 50 11.86 -19.28 -6.30
C ASN A 50 11.14 -18.00 -5.95
N LEU A 51 10.08 -18.12 -5.17
CA LEU A 51 9.28 -16.96 -4.77
C LEU A 51 9.44 -16.66 -3.28
N ARG A 52 9.62 -15.38 -2.95
CA ARG A 52 9.80 -14.96 -1.57
C ARG A 52 8.61 -14.13 -1.12
N TYR A 53 8.06 -14.49 0.03
CA TYR A 53 6.93 -13.77 0.62
C TYR A 53 7.30 -12.29 0.64
N PRO A 54 6.34 -11.38 0.36
CA PRO A 54 4.93 -11.58 0.01
C PRO A 54 4.60 -12.19 -1.36
N ILE A 55 5.57 -12.33 -2.25
CA ILE A 55 5.31 -12.93 -3.56
C ILE A 55 5.20 -14.43 -3.35
N ALA A 56 4.07 -15.00 -3.72
CA ALA A 56 3.86 -16.42 -3.52
C ALA A 56 3.09 -16.99 -4.68
N ASP A 57 2.87 -18.29 -4.63
CA ASP A 57 2.11 -18.96 -5.67
C ASP A 57 0.62 -18.77 -5.40
N VAL A 58 -0.07 -18.19 -6.37
CA VAL A 58 -1.50 -17.94 -6.26
C VAL A 58 -2.18 -18.77 -7.36
N SER A 59 -2.60 -19.97 -7.00
CA SER A 59 -3.27 -20.86 -7.95
C SER A 59 -2.43 -21.16 -9.19
N GLY A 60 -1.23 -21.69 -8.98
CA GLY A 60 -0.38 -22.01 -10.11
C GLY A 60 0.33 -20.81 -10.71
N GLY A 61 -0.31 -19.65 -10.65
CA GLY A 61 0.29 -18.43 -11.15
C GLY A 61 1.11 -17.72 -10.09
N ILE A 62 1.90 -16.76 -10.51
CA ILE A 62 2.75 -15.99 -9.61
C ILE A 62 1.95 -14.77 -9.17
N GLY A 63 1.82 -14.58 -7.86
CA GLY A 63 1.07 -13.44 -7.39
C GLY A 63 1.56 -12.93 -6.06
N MET A 64 0.64 -12.28 -5.35
CA MET A 64 0.92 -11.70 -4.04
C MET A 64 0.14 -12.47 -2.98
N SER A 65 0.86 -13.07 -2.02
CA SER A 65 0.23 -13.85 -0.96
C SER A 65 -0.92 -13.12 -0.32
N PRO A 66 -2.12 -13.72 -0.37
CA PRO A 66 -3.28 -13.06 0.24
C PRO A 66 -3.09 -12.71 1.73
N ASN A 67 -2.17 -13.40 2.40
CA ASN A 67 -1.90 -13.15 3.81
C ASN A 67 -1.31 -11.75 4.06
N TYR A 68 -0.49 -11.30 3.13
CA TYR A 68 0.16 -10.00 3.18
C TYR A 68 -0.85 -8.90 2.93
N ARG A 69 -1.75 -9.14 2.01
CA ARG A 69 -2.75 -8.14 1.67
C ARG A 69 -3.74 -7.90 2.81
N PHE A 70 -4.19 -8.96 3.48
CA PHE A 70 -5.14 -8.82 4.57
C PHE A 70 -5.07 -9.96 5.57
N ARG A 71 -5.04 -9.59 6.84
CA ARG A 71 -5.01 -10.53 7.94
C ARG A 71 -5.80 -9.88 9.05
N GLN A 72 -6.59 -10.68 9.75
CA GLN A 72 -7.40 -10.18 10.85
C GLN A 72 -7.28 -11.07 12.09
N SER A 73 -7.15 -10.44 13.25
CA SER A 73 -7.02 -11.14 14.52
C SER A 73 -7.53 -10.15 15.56
N MET A 74 -7.31 -10.45 16.83
CA MET A 74 -7.74 -9.55 17.88
C MET A 74 -6.91 -9.67 19.14
N TRP A 75 -6.93 -8.60 19.92
CA TRP A 75 -6.18 -8.51 21.15
C TRP A 75 -7.15 -8.25 22.30
N ILE A 76 -7.07 -9.08 23.32
CA ILE A 76 -7.89 -8.94 24.51
C ILE A 76 -6.83 -8.74 25.58
N GLY A 77 -6.49 -7.49 25.81
CA GLY A 77 -5.47 -7.21 26.79
C GLY A 77 -5.68 -5.98 27.64
N ILE A 78 -4.61 -5.60 28.33
CA ILE A 78 -4.62 -4.46 29.23
C ILE A 78 -4.03 -3.19 28.66
N VAL A 79 -4.81 -2.12 28.75
CA VAL A 79 -4.39 -0.80 28.30
C VAL A 79 -4.16 -0.08 29.63
N SER A 80 -2.98 0.49 29.80
CA SER A 80 -2.69 1.18 31.05
C SER A 80 -2.23 2.61 30.84
N TYR A 81 -2.79 3.51 31.64
CA TYR A 81 -2.43 4.92 31.55
C TYR A 81 -1.49 5.27 32.69
N SER A 82 -0.54 6.14 32.40
CA SER A 82 0.42 6.59 33.38
C SER A 82 0.77 8.03 33.08
N GLY A 83 0.59 8.91 34.05
CA GLY A 83 0.90 10.32 33.84
C GLY A 83 1.18 11.03 35.13
N SER A 84 2.46 11.14 35.48
CA SER A 84 2.92 11.81 36.71
C SER A 84 1.99 11.70 37.94
N GLY A 85 1.94 10.51 38.51
CA GLY A 85 1.11 10.26 39.66
C GLY A 85 -0.02 9.33 39.29
N LEU A 86 -0.87 9.80 38.37
CA LEU A 86 -2.01 9.01 37.91
C LEU A 86 -1.53 7.73 37.24
N ASN A 87 -2.18 6.62 37.55
CA ASN A 87 -1.79 5.31 37.02
C ASN A 87 -3.01 4.39 37.15
N TRP A 88 -3.42 3.76 36.06
CA TRP A 88 -4.59 2.89 36.06
C TRP A 88 -4.61 2.03 34.82
N ARG A 89 -5.50 1.04 34.79
CA ARG A 89 -5.57 0.15 33.67
C ARG A 89 -6.99 -0.30 33.40
N VAL A 90 -7.23 -0.73 32.17
CA VAL A 90 -8.54 -1.20 31.74
C VAL A 90 -8.31 -2.35 30.78
N GLN A 91 -9.22 -3.32 30.79
CA GLN A 91 -9.12 -4.44 29.87
C GLN A 91 -9.91 -4.01 28.64
N VAL A 92 -9.36 -4.28 27.47
CA VAL A 92 -10.00 -3.87 26.23
C VAL A 92 -9.98 -4.99 25.20
N ASN A 93 -10.99 -4.99 24.33
CA ASN A 93 -11.11 -5.99 23.27
C ASN A 93 -11.01 -5.24 21.94
N SER A 94 -9.89 -5.39 21.23
CA SER A 94 -9.74 -4.70 19.97
C SER A 94 -9.38 -5.59 18.80
N ASP A 95 -9.91 -5.23 17.63
CA ASP A 95 -9.63 -5.97 16.42
C ASP A 95 -8.28 -5.50 15.91
N ILE A 96 -7.55 -6.41 15.29
CA ILE A 96 -6.25 -6.09 14.71
C ILE A 96 -6.34 -6.42 13.23
N PHE A 97 -5.91 -5.48 12.41
CA PHE A 97 -5.93 -5.66 10.97
C PHE A 97 -4.55 -5.37 10.39
N ILE A 98 -3.98 -6.37 9.73
CA ILE A 98 -2.69 -6.21 9.09
C ILE A 98 -2.99 -6.17 7.60
N VAL A 99 -2.77 -5.01 7.00
CA VAL A 99 -3.01 -4.82 5.58
C VAL A 99 -1.73 -4.28 4.97
N ASP A 100 -1.15 -5.05 4.06
CA ASP A 100 0.11 -4.68 3.43
C ASP A 100 1.14 -4.54 4.55
N ASP A 101 1.93 -3.47 4.53
CA ASP A 101 2.94 -3.28 5.56
C ASP A 101 2.46 -2.44 6.74
N TYR A 102 1.17 -2.47 7.03
CA TYR A 102 0.62 -1.70 8.13
C TYR A 102 -0.15 -2.59 9.08
N ILE A 103 -0.13 -2.21 10.34
CA ILE A 103 -0.89 -2.92 11.36
C ILE A 103 -1.86 -1.87 11.89
N HIS A 104 -3.09 -2.28 12.13
CA HIS A 104 -4.13 -1.38 12.63
C HIS A 104 -4.75 -1.96 13.88
N ILE A 105 -4.60 -1.25 14.99
CA ILE A 105 -5.18 -1.69 16.25
C ILE A 105 -6.45 -0.85 16.43
N CYS A 106 -7.59 -1.49 16.25
CA CYS A 106 -8.86 -0.79 16.38
C CYS A 106 -9.39 -0.85 17.81
N LEU A 107 -8.99 0.13 18.62
CA LEU A 107 -9.43 0.20 20.00
C LEU A 107 -10.88 0.70 20.10
N PRO A 108 -11.67 0.09 20.99
CA PRO A 108 -13.06 0.50 21.18
C PRO A 108 -13.12 1.62 22.21
N ALA A 109 -14.28 2.25 22.34
CA ALA A 109 -14.42 3.31 23.34
C ALA A 109 -14.37 2.63 24.70
N PHE A 110 -13.75 3.29 25.67
CA PHE A 110 -13.64 2.73 27.00
C PHE A 110 -13.64 3.83 28.05
N ASP A 111 -13.84 3.43 29.31
CA ASP A 111 -13.86 4.37 30.41
C ASP A 111 -12.60 4.21 31.23
N GLY A 112 -11.98 5.34 31.56
CA GLY A 112 -10.78 5.33 32.35
C GLY A 112 -10.94 6.27 33.52
N PHE A 113 -9.82 6.62 34.14
CA PHE A 113 -9.86 7.51 35.29
C PHE A 113 -9.20 8.85 34.97
N SER A 114 -8.68 9.52 35.98
CA SER A 114 -8.04 10.81 35.78
C SER A 114 -6.84 10.72 34.85
N ILE A 115 -6.59 11.80 34.12
CA ILE A 115 -5.47 11.86 33.20
C ILE A 115 -4.78 13.19 33.45
N ALA A 116 -3.46 13.21 33.28
CA ALA A 116 -2.69 14.43 33.46
C ALA A 116 -2.64 15.15 32.12
N ASP A 117 -2.03 16.33 32.08
CA ASP A 117 -1.94 17.08 30.83
C ASP A 117 -1.14 16.25 29.82
N GLY A 118 -0.12 15.57 30.33
CA GLY A 118 0.72 14.74 29.51
C GLY A 118 0.84 13.37 30.17
N GLY A 119 0.69 12.32 29.37
CA GLY A 119 0.80 10.98 29.90
C GLY A 119 1.01 9.97 28.79
N ASP A 120 1.16 8.71 29.17
CA ASP A 120 1.37 7.64 28.21
C ASP A 120 0.30 6.58 28.36
N LEU A 121 -0.15 6.07 27.23
CA LEU A 121 -1.16 5.03 27.20
C LEU A 121 -0.44 3.82 26.62
N SER A 122 -0.29 2.77 27.41
CA SER A 122 0.42 1.58 26.98
C SER A 122 -0.44 0.37 26.68
N LEU A 123 -0.22 -0.21 25.50
CA LEU A 123 -0.95 -1.40 25.10
C LEU A 123 0.03 -2.56 25.33
N ASN A 124 -0.36 -3.49 26.20
CA ASN A 124 0.50 -4.63 26.50
C ASN A 124 0.24 -5.81 25.58
N PHE A 125 1.09 -5.96 24.57
CA PHE A 125 0.95 -7.04 23.60
C PHE A 125 1.66 -8.33 24.00
N VAL A 126 2.34 -8.34 25.14
CA VAL A 126 3.02 -9.55 25.55
C VAL A 126 1.98 -10.58 26.02
N THR A 127 0.74 -10.12 26.19
CA THR A 127 -0.39 -10.95 26.63
C THR A 127 -1.66 -10.50 25.92
N GLY A 128 -2.55 -11.45 25.64
CA GLY A 128 -3.82 -11.11 25.00
C GLY A 128 -3.92 -11.22 23.49
N LEU A 129 -2.80 -11.44 22.83
CA LEU A 129 -2.80 -11.56 21.38
C LEU A 129 -3.33 -12.92 20.94
N LEU A 130 -4.27 -12.91 20.01
CA LEU A 130 -4.86 -14.16 19.49
C LEU A 130 -4.05 -14.75 18.36
N PRO A 131 -3.92 -16.09 18.33
CA PRO A 131 -3.16 -16.76 17.27
C PRO A 131 -3.81 -16.46 15.92
N PRO A 132 -3.03 -16.55 14.82
CA PRO A 132 -1.62 -16.92 14.78
C PRO A 132 -0.65 -15.88 15.36
N LEU A 133 -1.12 -14.64 15.49
CA LEU A 133 -0.29 -13.54 15.97
C LEU A 133 0.51 -13.78 17.24
N LEU A 134 1.69 -13.17 17.25
CA LEU A 134 2.62 -13.26 18.36
C LEU A 134 3.07 -11.83 18.64
N THR A 135 3.50 -11.57 19.87
CA THR A 135 3.98 -10.27 20.31
C THR A 135 4.89 -9.61 19.27
N GLY A 136 5.79 -10.40 18.69
CA GLY A 136 6.72 -9.88 17.70
C GLY A 136 6.06 -9.27 16.48
N ASP A 137 4.87 -9.73 16.15
CA ASP A 137 4.14 -9.22 14.98
C ASP A 137 3.66 -7.79 15.14
N THR A 138 3.74 -7.25 16.35
CA THR A 138 3.31 -5.88 16.58
C THR A 138 4.46 -4.88 16.51
N GLU A 139 5.68 -5.38 16.30
CA GLU A 139 6.83 -4.49 16.23
C GLU A 139 6.75 -3.56 15.03
N PRO A 140 6.99 -2.26 15.23
CA PRO A 140 6.94 -1.31 14.12
C PRO A 140 8.18 -1.47 13.25
N ALA A 141 8.11 -0.96 12.02
CA ALA A 141 9.23 -1.03 11.10
C ALA A 141 10.41 -0.23 11.66
N PHE A 142 10.11 0.79 12.47
CA PHE A 142 11.15 1.62 13.09
C PHE A 142 11.54 1.05 14.46
N HIS A 143 11.19 -0.21 14.74
CA HIS A 143 11.48 -0.88 16.03
C HIS A 143 12.07 -0.08 17.19
N ASN A 144 11.27 0.11 18.22
CA ASN A 144 11.66 0.85 19.43
C ASN A 144 12.30 2.23 19.33
N ASP A 145 12.43 2.78 18.13
CA ASP A 145 12.93 4.14 18.02
C ASP A 145 11.82 5.02 18.55
N VAL A 146 12.18 6.10 19.22
CA VAL A 146 11.19 7.02 19.74
C VAL A 146 10.82 7.93 18.56
N VAL A 147 9.54 7.94 18.22
CA VAL A 147 9.03 8.74 17.10
C VAL A 147 7.79 9.53 17.51
N THR A 148 7.22 10.24 16.55
CA THR A 148 6.00 11.02 16.75
C THR A 148 5.15 10.61 15.56
N TYR A 149 4.86 9.31 15.47
CA TYR A 149 4.12 8.75 14.36
C TYR A 149 2.61 8.78 14.48
N GLY A 150 1.94 8.97 13.34
CA GLY A 150 0.50 8.98 13.28
C GLY A 150 -0.19 9.87 14.29
N ALA A 151 0.34 11.07 14.48
CA ALA A 151 -0.25 12.01 15.42
C ALA A 151 -1.65 12.36 14.93
N GLN A 152 -2.58 12.45 15.88
CA GLN A 152 -3.96 12.79 15.58
C GLN A 152 -4.58 13.46 16.80
N THR A 153 -5.70 14.13 16.57
CA THR A 153 -6.43 14.82 17.62
C THR A 153 -7.58 13.90 18.05
N VAL A 154 -7.72 13.73 19.36
CA VAL A 154 -8.75 12.86 19.93
C VAL A 154 -9.51 13.61 21.03
N ALA A 155 -10.83 13.46 21.08
CA ALA A 155 -11.64 14.14 22.08
C ALA A 155 -12.02 13.18 23.22
N ILE A 156 -11.54 13.49 24.42
CA ILE A 156 -11.80 12.66 25.60
C ILE A 156 -12.77 13.39 26.52
N GLY A 157 -13.74 12.65 27.05
CA GLY A 157 -14.71 13.23 27.96
C GLY A 157 -14.26 13.14 29.39
N LEU A 158 -14.05 14.27 30.04
CA LEU A 158 -13.64 14.30 31.43
C LEU A 158 -14.84 14.65 32.30
N SER A 159 -15.01 13.94 33.40
CA SER A 159 -16.14 14.21 34.29
C SER A 159 -15.79 13.87 35.73
N SER A 160 -16.67 14.30 36.63
CA SER A 160 -16.53 14.03 38.04
C SER A 160 -17.85 13.42 38.50
N GLY A 161 -18.52 12.75 37.56
CA GLY A 161 -19.79 12.14 37.85
C GLY A 161 -20.91 12.79 37.05
N GLY A 162 -20.79 14.10 36.82
CA GLY A 162 -21.79 14.81 36.06
C GLY A 162 -21.56 14.70 34.56
N ALA A 163 -22.23 15.55 33.78
CA ALA A 163 -22.08 15.55 32.33
C ALA A 163 -20.60 15.79 32.02
N PRO A 164 -20.04 15.03 31.06
CA PRO A 164 -18.64 15.16 30.67
C PRO A 164 -18.33 16.43 29.88
N GLN A 165 -17.08 16.84 29.94
CA GLN A 165 -16.60 18.00 29.20
C GLN A 165 -15.54 17.39 28.29
N TYR A 166 -15.68 17.59 26.99
CA TYR A 166 -14.74 17.01 26.04
C TYR A 166 -13.54 17.87 25.74
N MET A 167 -12.36 17.35 26.09
CA MET A 167 -11.10 18.05 25.84
C MET A 167 -10.47 17.41 24.60
N SER A 168 -9.90 18.24 23.75
CA SER A 168 -9.22 17.75 22.57
C SER A 168 -7.76 17.55 22.94
N LYS A 169 -7.31 16.31 22.92
CA LYS A 169 -5.92 16.03 23.26
C LYS A 169 -5.20 15.47 22.04
N ASN A 170 -3.89 15.67 22.02
CA ASN A 170 -3.05 15.21 20.93
C ASN A 170 -2.50 13.84 21.29
N LEU A 171 -2.64 12.89 20.37
CA LEU A 171 -2.17 11.53 20.59
C LEU A 171 -1.33 10.99 19.43
N TRP A 172 -0.29 10.25 19.73
CA TRP A 172 0.58 9.68 18.71
C TRP A 172 1.35 8.47 19.21
N VAL A 173 1.82 7.65 18.28
CA VAL A 173 2.61 6.48 18.59
C VAL A 173 4.00 7.01 18.93
N GLU A 174 4.44 6.74 20.16
CA GLU A 174 5.73 7.23 20.60
C GLU A 174 6.85 6.18 20.52
N GLN A 175 6.59 4.98 21.04
CA GLN A 175 7.61 3.95 21.01
C GLN A 175 7.04 2.57 21.32
N TRP A 176 7.71 1.54 20.80
CA TRP A 176 7.32 0.16 21.01
C TRP A 176 8.53 -0.45 21.70
N GLN A 177 8.32 -1.01 22.89
CA GLN A 177 9.40 -1.58 23.67
C GLN A 177 9.03 -2.92 24.29
N ASP A 178 9.78 -3.95 23.92
CA ASP A 178 9.58 -5.31 24.41
C ASP A 178 8.13 -5.79 24.45
N GLY A 179 7.38 -5.53 23.38
CA GLY A 179 6.00 -5.96 23.29
C GLY A 179 4.95 -5.01 23.85
N VAL A 180 5.38 -3.82 24.27
CA VAL A 180 4.46 -2.84 24.81
C VAL A 180 4.51 -1.58 23.97
N LEU A 181 3.36 -1.22 23.39
CA LEU A 181 3.25 -0.04 22.55
C LEU A 181 2.84 1.15 23.41
N ARG A 182 3.70 2.17 23.41
CA ARG A 182 3.45 3.37 24.18
C ARG A 182 2.93 4.49 23.29
N LEU A 183 1.78 5.04 23.66
CA LEU A 183 1.15 6.14 22.94
C LEU A 183 1.22 7.38 23.81
N ARG A 184 1.63 8.50 23.23
CA ARG A 184 1.71 9.74 23.99
C ARG A 184 0.38 10.46 23.88
N VAL A 185 -0.13 10.95 25.00
CA VAL A 185 -1.39 11.70 25.03
C VAL A 185 -1.11 12.99 25.78
N GLU A 186 -1.27 14.12 25.12
CA GLU A 186 -1.01 15.39 25.78
C GLU A 186 -1.61 16.59 25.08
N GLY A 187 -1.45 17.75 25.71
CA GLY A 187 -1.95 19.00 25.17
C GLY A 187 -3.45 19.12 25.36
N GLY A 188 -4.01 20.26 24.97
CA GLY A 188 -5.45 20.45 25.09
C GLY A 188 -5.96 20.97 26.43
N GLY A 189 -5.06 21.14 27.40
CA GLY A 189 -5.48 21.64 28.70
C GLY A 189 -6.28 20.63 29.49
N SER A 190 -6.42 20.86 30.79
CA SER A 190 -7.15 19.95 31.66
C SER A 190 -8.15 20.69 32.55
N ILE A 191 -8.99 19.91 33.21
CA ILE A 191 -9.99 20.40 34.15
C ILE A 191 -9.99 19.36 35.27
N THR A 192 -10.54 19.70 36.43
CA THR A 192 -10.59 18.75 37.53
C THR A 192 -11.62 17.67 37.18
N HIS A 193 -11.21 16.42 37.32
CA HIS A 193 -12.08 15.29 37.02
C HIS A 193 -11.55 14.02 37.69
N SER A 194 -12.37 12.98 37.66
CA SER A 194 -12.00 11.70 38.25
C SER A 194 -12.19 10.56 37.26
N ASN A 195 -12.96 10.81 36.20
CA ASN A 195 -13.25 9.81 35.19
C ASN A 195 -13.01 10.37 33.79
N SER A 196 -12.82 9.47 32.82
CA SER A 196 -12.59 9.87 31.44
C SER A 196 -13.27 8.91 30.47
N LYS A 197 -13.90 9.47 29.44
CA LYS A 197 -14.61 8.71 28.42
C LYS A 197 -13.70 8.76 27.20
N TRP A 198 -13.02 7.67 26.91
CA TRP A 198 -12.14 7.62 25.75
C TRP A 198 -12.93 7.16 24.55
N PRO A 199 -12.73 7.80 23.39
CA PRO A 199 -13.45 7.42 22.19
C PRO A 199 -12.76 6.23 21.52
N ALA A 200 -13.45 5.57 20.60
CA ALA A 200 -12.84 4.46 19.87
C ALA A 200 -11.70 5.12 19.09
N MET A 201 -10.55 4.46 19.01
CA MET A 201 -9.40 5.01 18.30
C MET A 201 -8.69 3.91 17.51
N THR A 202 -8.23 4.26 16.32
CA THR A 202 -7.50 3.30 15.51
C THR A 202 -6.05 3.77 15.48
N VAL A 203 -5.16 2.89 15.92
CA VAL A 203 -3.74 3.18 15.94
C VAL A 203 -3.10 2.40 14.80
N SER A 204 -2.47 3.10 13.87
CA SER A 204 -1.84 2.44 12.73
C SER A 204 -0.39 2.86 12.62
N TYR A 205 0.43 1.94 12.16
CA TYR A 205 1.86 2.20 11.96
C TYR A 205 2.46 1.10 11.12
N PRO A 206 3.55 1.39 10.41
CA PRO A 206 4.22 0.40 9.57
C PRO A 206 4.76 -0.75 10.42
N ARG A 207 4.41 -1.96 10.02
CA ARG A 207 4.80 -3.18 10.71
C ARG A 207 6.17 -3.69 10.25
N SER A 208 6.93 -4.22 11.20
CA SER A 208 8.25 -4.74 10.93
C SER A 208 8.18 -6.03 10.11
N PHE A 209 9.17 -6.21 9.23
CA PHE A 209 9.29 -7.38 8.38
C PHE A 209 10.80 -7.65 8.29
N THR A 210 11.19 -8.90 8.07
CA THR A 210 12.62 -9.21 7.96
C THR A 210 12.82 -10.35 6.95
N GLN B 6 25.96 -40.65 -53.34
CA GLN B 6 27.13 -41.35 -52.82
C GLN B 6 27.70 -40.63 -51.59
N SER B 7 27.20 -41.00 -50.41
CA SER B 7 27.64 -40.46 -49.13
C SER B 7 26.69 -41.07 -48.09
N TYR B 8 27.04 -42.28 -47.67
CA TYR B 8 26.22 -43.02 -46.72
C TYR B 8 26.02 -42.35 -45.37
N VAL B 9 24.76 -42.30 -44.96
CA VAL B 9 24.35 -41.74 -43.68
C VAL B 9 23.17 -42.62 -43.30
N ALA B 10 23.47 -43.66 -42.55
CA ALA B 10 22.42 -44.57 -42.11
C ALA B 10 22.08 -44.15 -40.72
N SER B 11 20.82 -43.78 -40.51
CA SER B 11 20.33 -43.36 -39.19
C SER B 11 20.68 -41.92 -38.77
N ALA B 12 19.69 -41.32 -38.10
CA ALA B 12 19.66 -39.98 -37.52
C ALA B 12 18.91 -40.14 -36.20
N VAL B 13 19.61 -39.93 -35.09
CA VAL B 13 19.01 -40.05 -33.76
C VAL B 13 18.20 -38.80 -33.43
N THR B 14 17.03 -38.99 -32.83
CA THR B 14 16.16 -37.88 -32.45
C THR B 14 16.94 -36.92 -31.56
N PRO B 15 16.59 -35.62 -31.56
CA PRO B 15 15.52 -34.95 -32.32
C PRO B 15 15.69 -34.89 -33.84
N LEU B 16 16.80 -35.42 -34.34
CA LEU B 16 17.03 -35.42 -35.78
C LEU B 16 16.28 -36.58 -36.38
N ARG B 17 15.87 -36.43 -37.64
CA ARG B 17 15.18 -37.52 -38.32
C ARG B 17 15.34 -37.42 -39.83
N LEU B 18 15.83 -38.50 -40.41
CA LEU B 18 16.06 -38.60 -41.84
C LEU B 18 14.93 -39.40 -42.44
N ASN B 19 14.16 -38.77 -43.31
CA ASN B 19 13.06 -39.44 -43.97
C ASN B 19 13.65 -40.42 -44.98
N SER B 20 13.44 -41.71 -44.78
CA SER B 20 14.01 -42.71 -45.68
C SER B 20 13.58 -42.62 -47.15
N SER B 21 12.44 -41.99 -47.41
CA SER B 21 11.94 -41.82 -48.78
C SER B 21 12.47 -40.54 -49.44
N THR B 22 12.08 -39.38 -48.91
CA THR B 22 12.51 -38.11 -49.46
C THR B 22 13.99 -37.86 -49.23
N LYS B 23 14.53 -38.45 -48.17
CA LYS B 23 15.92 -38.26 -47.80
C LYS B 23 16.11 -36.82 -47.35
N VAL B 24 15.06 -36.29 -46.74
CA VAL B 24 15.12 -34.93 -46.22
C VAL B 24 15.44 -35.07 -44.74
N LEU B 25 16.40 -34.27 -44.29
CA LEU B 25 16.80 -34.29 -42.89
C LEU B 25 16.26 -33.07 -42.17
N ASP B 26 15.51 -33.31 -41.10
CA ASP B 26 14.94 -32.21 -40.32
C ASP B 26 15.09 -32.49 -38.83
N MET B 27 14.58 -31.57 -38.01
CA MET B 27 14.68 -31.71 -36.57
C MET B 27 13.34 -31.50 -35.90
N LEU B 28 13.08 -32.27 -34.84
CA LEU B 28 11.83 -32.16 -34.10
C LEU B 28 12.06 -31.21 -32.93
N ILE B 29 11.26 -30.16 -32.83
CA ILE B 29 11.41 -29.22 -31.73
C ILE B 29 10.06 -28.97 -31.08
N ASP B 30 10.09 -28.79 -29.77
CA ASP B 30 8.88 -28.53 -29.01
C ASP B 30 8.57 -27.05 -29.22
N SER B 31 7.58 -26.78 -30.04
CA SER B 31 7.20 -25.40 -30.35
C SER B 31 6.77 -24.54 -29.16
N SER B 32 6.37 -25.15 -28.05
CA SER B 32 5.95 -24.37 -26.91
C SER B 32 7.15 -23.77 -26.17
N THR B 33 8.34 -24.32 -26.42
CA THR B 33 9.55 -23.82 -25.76
C THR B 33 10.60 -23.30 -26.75
N LEU B 34 10.55 -23.77 -27.99
CA LEU B 34 11.52 -23.37 -29.01
C LEU B 34 10.82 -22.92 -30.28
N GLU B 35 11.51 -22.11 -31.06
CA GLU B 35 10.98 -21.62 -32.33
C GLU B 35 12.15 -21.38 -33.29
N ILE B 36 11.81 -21.09 -34.54
CA ILE B 36 12.80 -20.85 -35.56
C ILE B 36 12.72 -19.42 -36.06
N ASN B 37 13.86 -18.75 -36.03
CA ASN B 37 14.00 -17.37 -36.49
C ASN B 37 13.62 -17.14 -37.93
N SER B 38 13.57 -15.85 -38.28
CA SER B 38 13.31 -15.42 -39.64
C SER B 38 14.61 -15.73 -40.38
N SER B 39 15.71 -15.78 -39.61
CA SER B 39 17.04 -16.08 -40.13
C SER B 39 17.27 -17.60 -40.14
N GLY B 40 16.23 -18.36 -39.80
CA GLY B 40 16.35 -19.81 -39.78
C GLY B 40 17.13 -20.38 -38.61
N GLN B 41 17.29 -19.57 -37.56
CA GLN B 41 18.03 -20.00 -36.39
C GLN B 41 17.12 -20.49 -35.28
N LEU B 42 17.52 -21.58 -34.63
CA LEU B 42 16.75 -22.12 -33.54
C LEU B 42 16.97 -21.16 -32.38
N THR B 43 15.89 -20.73 -31.74
CA THR B 43 15.98 -19.80 -30.60
C THR B 43 14.97 -20.16 -29.51
N VAL B 44 15.27 -19.78 -28.28
CA VAL B 44 14.36 -20.04 -27.17
C VAL B 44 13.09 -19.20 -27.32
N ARG B 45 11.94 -19.88 -27.32
CA ARG B 45 10.67 -19.19 -27.46
C ARG B 45 10.38 -18.34 -26.24
N SER B 46 10.25 -17.04 -26.45
CA SER B 46 9.96 -16.13 -25.34
C SER B 46 8.49 -16.17 -25.00
N THR B 47 8.18 -16.70 -23.82
CA THR B 47 6.81 -16.77 -23.35
C THR B 47 6.78 -16.09 -22.00
N SER B 48 5.64 -15.51 -21.65
CA SER B 48 5.51 -14.85 -20.36
C SER B 48 4.91 -15.84 -19.38
N PRO B 49 5.31 -15.75 -18.10
CA PRO B 49 4.79 -16.65 -17.08
C PRO B 49 3.35 -16.33 -16.70
N ASN B 50 2.72 -17.26 -16.01
CA ASN B 50 1.35 -17.10 -15.56
C ASN B 50 1.37 -16.13 -14.37
N LEU B 51 1.00 -14.88 -14.61
CA LEU B 51 1.01 -13.88 -13.54
C LEU B 51 -0.38 -13.54 -13.05
N ARG B 52 -0.48 -13.28 -11.75
CA ARG B 52 -1.73 -12.94 -11.10
C ARG B 52 -1.72 -11.51 -10.59
N TYR B 53 -2.75 -10.74 -10.92
CA TYR B 53 -2.87 -9.36 -10.47
C TYR B 53 -2.81 -9.42 -8.94
N PRO B 54 -2.16 -8.43 -8.29
CA PRO B 54 -1.47 -7.25 -8.82
C PRO B 54 -0.13 -7.44 -9.53
N ILE B 55 0.42 -8.66 -9.55
CA ILE B 55 1.69 -8.92 -10.22
C ILE B 55 1.38 -8.93 -11.70
N ALA B 56 1.95 -7.98 -12.43
CA ALA B 56 1.66 -7.87 -13.85
C ALA B 56 2.91 -7.87 -14.70
N ASP B 57 2.70 -7.94 -16.01
CA ASP B 57 3.79 -7.90 -16.97
C ASP B 57 3.97 -6.43 -17.25
N VAL B 58 4.93 -5.81 -16.57
CA VAL B 58 5.20 -4.40 -16.79
C VAL B 58 6.26 -4.31 -17.87
N SER B 59 5.82 -3.82 -19.03
CA SER B 59 6.64 -3.64 -20.23
C SER B 59 7.85 -4.56 -20.38
N GLY B 60 7.57 -5.84 -20.61
CA GLY B 60 8.65 -6.79 -20.82
C GLY B 60 8.96 -7.69 -19.65
N GLY B 61 8.91 -7.16 -18.43
CA GLY B 61 9.22 -7.98 -17.28
C GLY B 61 8.09 -8.22 -16.30
N ILE B 62 8.46 -8.69 -15.11
CA ILE B 62 7.53 -8.95 -14.03
C ILE B 62 7.57 -7.73 -13.13
N GLY B 63 6.44 -7.06 -12.99
CA GLY B 63 6.37 -5.89 -12.15
C GLY B 63 5.06 -5.86 -11.40
N MET B 64 4.81 -4.74 -10.73
CA MET B 64 3.58 -4.56 -9.97
C MET B 64 2.72 -3.63 -10.83
N SER B 65 1.50 -4.07 -11.10
CA SER B 65 0.58 -3.30 -11.90
C SER B 65 0.39 -1.91 -11.33
N PRO B 66 0.57 -0.87 -12.16
CA PRO B 66 0.39 0.50 -11.67
C PRO B 66 -1.06 0.71 -11.21
N ASN B 67 -1.97 -0.10 -11.73
CA ASN B 67 -3.38 -0.02 -11.37
C ASN B 67 -3.61 -0.37 -9.91
N TYR B 68 -2.75 -1.23 -9.40
CA TYR B 68 -2.82 -1.64 -8.01
C TYR B 68 -2.22 -0.56 -7.11
N ARG B 69 -1.15 0.05 -7.58
CA ARG B 69 -0.47 1.06 -6.81
C ARG B 69 -1.27 2.35 -6.67
N PHE B 70 -1.94 2.75 -7.73
CA PHE B 70 -2.74 3.97 -7.69
C PHE B 70 -3.85 3.98 -8.74
N ARG B 71 -5.06 4.27 -8.29
CA ARG B 71 -6.20 4.39 -9.20
C ARG B 71 -7.16 5.40 -8.63
N GLN B 72 -7.55 6.36 -9.45
CA GLN B 72 -8.44 7.41 -9.01
C GLN B 72 -9.75 7.42 -9.79
N SER B 73 -10.81 7.85 -9.11
CA SER B 73 -12.14 7.95 -9.70
C SER B 73 -12.91 8.85 -8.76
N MET B 74 -14.22 8.92 -8.94
CA MET B 74 -15.03 9.74 -8.05
C MET B 74 -16.46 9.25 -7.95
N TRP B 75 -17.11 9.64 -6.86
CA TRP B 75 -18.47 9.25 -6.57
C TRP B 75 -19.30 10.51 -6.41
N ILE B 76 -20.41 10.56 -7.16
CA ILE B 76 -21.34 11.67 -7.10
C ILE B 76 -22.60 10.97 -6.64
N GLY B 77 -22.79 10.90 -5.33
CA GLY B 77 -23.94 10.20 -4.82
C GLY B 77 -24.59 10.82 -3.61
N ILE B 78 -25.47 10.03 -2.99
CA ILE B 78 -26.23 10.45 -1.84
C ILE B 78 -25.69 9.94 -0.51
N VAL B 79 -25.47 10.86 0.42
CA VAL B 79 -25.02 10.57 1.75
C VAL B 79 -26.27 10.78 2.59
N SER B 80 -26.67 9.79 3.36
CA SER B 80 -27.87 9.94 4.16
C SER B 80 -27.63 9.67 5.64
N TYR B 81 -28.18 10.54 6.47
CA TYR B 81 -28.04 10.40 7.91
C TYR B 81 -29.33 9.84 8.48
N SER B 82 -29.21 8.99 9.49
CA SER B 82 -30.38 8.42 10.16
C SER B 82 -29.98 8.21 11.61
N GLY B 83 -30.85 8.61 12.53
CA GLY B 83 -30.55 8.44 13.94
C GLY B 83 -31.69 8.93 14.81
N SER B 84 -32.22 8.03 15.65
CA SER B 84 -33.32 8.34 16.57
C SER B 84 -34.44 9.12 15.86
N GLY B 85 -34.92 8.56 14.74
CA GLY B 85 -35.98 9.20 14.00
C GLY B 85 -35.56 10.26 12.99
N LEU B 86 -34.42 10.90 13.24
CA LEU B 86 -33.91 11.92 12.35
C LEU B 86 -33.34 11.27 11.09
N ASN B 87 -33.85 11.70 9.94
CA ASN B 87 -33.42 11.18 8.65
C ASN B 87 -33.33 12.33 7.65
N TRP B 88 -32.27 12.32 6.88
CA TRP B 88 -32.07 13.31 5.81
C TRP B 88 -30.95 12.87 4.89
N ARG B 89 -30.85 13.53 3.74
CA ARG B 89 -29.83 13.18 2.76
C ARG B 89 -29.27 14.40 2.05
N VAL B 90 -28.04 14.27 1.56
CA VAL B 90 -27.36 15.33 0.85
C VAL B 90 -26.61 14.69 -0.31
N GLN B 91 -26.50 15.41 -1.42
CA GLN B 91 -25.75 14.90 -2.57
C GLN B 91 -24.32 15.41 -2.34
N VAL B 92 -23.35 14.55 -2.58
CA VAL B 92 -21.97 14.90 -2.36
C VAL B 92 -21.09 14.45 -3.53
N ASN B 93 -20.01 15.19 -3.77
CA ASN B 93 -19.05 14.88 -4.83
C ASN B 93 -17.72 14.56 -4.16
N SER B 94 -17.33 13.29 -4.15
CA SER B 94 -16.08 12.93 -3.52
C SER B 94 -15.12 12.15 -4.39
N ASP B 95 -13.84 12.40 -4.21
CA ASP B 95 -12.81 11.71 -4.95
C ASP B 95 -12.60 10.37 -4.30
N ILE B 96 -12.26 9.38 -5.11
CA ILE B 96 -11.99 8.04 -4.60
C ILE B 96 -10.58 7.65 -5.02
N PHE B 97 -9.78 7.21 -4.06
CA PHE B 97 -8.41 6.84 -4.33
C PHE B 97 -8.16 5.42 -3.85
N ILE B 98 -7.76 4.56 -4.77
CA ILE B 98 -7.44 3.17 -4.43
C ILE B 98 -5.92 3.10 -4.52
N VAL B 99 -5.27 2.91 -3.38
CA VAL B 99 -3.82 2.81 -3.32
C VAL B 99 -3.50 1.51 -2.62
N ASP B 100 -2.84 0.61 -3.33
CA ASP B 100 -2.50 -0.70 -2.78
C ASP B 100 -3.81 -1.38 -2.38
N ASP B 101 -3.88 -1.97 -1.20
CA ASP B 101 -5.10 -2.64 -0.78
C ASP B 101 -6.04 -1.76 0.04
N TYR B 102 -6.00 -0.45 -0.20
CA TYR B 102 -6.85 0.47 0.52
C TYR B 102 -7.67 1.31 -0.42
N ILE B 103 -8.86 1.68 0.03
CA ILE B 103 -9.72 2.55 -0.74
C ILE B 103 -9.90 3.77 0.15
N HIS B 104 -9.87 4.95 -0.45
CA HIS B 104 -10.01 6.20 0.28
C HIS B 104 -11.12 7.03 -0.31
N ILE B 105 -12.16 7.27 0.47
CA ILE B 105 -13.28 8.10 0.02
C ILE B 105 -13.06 9.47 0.63
N CYS B 106 -12.68 10.42 -0.21
CA CYS B 106 -12.43 11.77 0.27
C CYS B 106 -13.68 12.64 0.20
N LEU B 107 -14.46 12.61 1.27
CA LEU B 107 -15.67 13.40 1.36
C LEU B 107 -15.37 14.88 1.60
N PRO B 108 -16.10 15.78 0.92
CA PRO B 108 -15.90 17.21 1.09
C PRO B 108 -16.77 17.70 2.23
N ALA B 109 -16.55 18.94 2.66
CA ALA B 109 -17.36 19.50 3.74
C ALA B 109 -18.76 19.67 3.16
N PHE B 110 -19.79 19.44 3.98
CA PHE B 110 -21.16 19.60 3.53
C PHE B 110 -22.06 20.03 4.67
N ASP B 111 -23.26 20.48 4.31
CA ASP B 111 -24.22 20.93 5.31
C ASP B 111 -25.33 19.91 5.42
N GLY B 112 -25.69 19.59 6.66
CA GLY B 112 -26.74 18.62 6.90
C GLY B 112 -27.74 19.22 7.87
N PHE B 113 -28.58 18.38 8.45
CA PHE B 113 -29.58 18.84 9.38
C PHE B 113 -29.30 18.34 10.79
N SER B 114 -30.33 18.20 11.61
CA SER B 114 -30.16 17.74 12.97
C SER B 114 -29.56 16.34 13.04
N ILE B 115 -28.80 16.08 14.10
CA ILE B 115 -28.18 14.78 14.29
C ILE B 115 -28.45 14.39 15.74
N ALA B 116 -28.60 13.10 15.99
CA ALA B 116 -28.84 12.59 17.33
C ALA B 116 -27.49 12.32 17.97
N ASP B 117 -27.48 11.92 19.24
CA ASP B 117 -26.21 11.62 19.90
C ASP B 117 -25.53 10.47 19.17
N GLY B 118 -26.33 9.53 18.71
CA GLY B 118 -25.82 8.38 17.99
C GLY B 118 -26.62 8.23 16.70
N GLY B 119 -25.93 7.99 15.59
CA GLY B 119 -26.60 7.83 14.32
C GLY B 119 -25.69 7.18 13.31
N ASP B 120 -26.22 6.95 12.12
CA ASP B 120 -25.46 6.33 11.05
C ASP B 120 -25.45 7.23 9.83
N LEU B 121 -24.30 7.30 9.18
CA LEU B 121 -24.13 8.09 7.99
C LEU B 121 -23.87 7.06 6.88
N SER B 122 -24.78 6.97 5.92
CA SER B 122 -24.65 5.99 4.86
C SER B 122 -24.28 6.55 3.51
N LEU B 123 -23.26 5.95 2.89
CA LEU B 123 -22.81 6.36 1.57
C LEU B 123 -23.40 5.31 0.62
N ASN B 124 -24.23 5.76 -0.32
CA ASN B 124 -24.85 4.84 -1.26
C ASN B 124 -24.01 4.67 -2.52
N PHE B 125 -23.27 3.57 -2.59
CA PHE B 125 -22.41 3.29 -3.73
C PHE B 125 -23.09 2.53 -4.85
N VAL B 126 -24.39 2.32 -4.68
CA VAL B 126 -25.22 1.64 -5.66
C VAL B 126 -25.24 2.44 -6.96
N THR B 127 -25.09 3.76 -6.84
CA THR B 127 -25.06 4.63 -8.00
C THR B 127 -24.06 5.75 -7.76
N GLY B 128 -23.67 6.46 -8.81
CA GLY B 128 -22.74 7.56 -8.67
C GLY B 128 -21.29 7.26 -8.94
N LEU B 129 -20.90 5.99 -8.91
CA LEU B 129 -19.51 5.59 -9.16
C LEU B 129 -19.14 5.74 -10.64
N LEU B 130 -18.10 6.51 -10.91
CA LEU B 130 -17.64 6.71 -12.29
C LEU B 130 -16.58 5.65 -12.67
N PRO B 131 -16.41 5.37 -13.97
CA PRO B 131 -15.42 4.39 -14.43
C PRO B 131 -14.03 4.71 -13.90
N PRO B 132 -13.19 3.69 -13.67
CA PRO B 132 -13.47 2.26 -13.89
C PRO B 132 -14.13 1.56 -12.69
N LEU B 133 -14.74 2.33 -11.79
CA LEU B 133 -15.34 1.76 -10.59
C LEU B 133 -16.73 1.20 -10.68
N LEU B 134 -17.00 0.23 -9.82
CA LEU B 134 -18.28 -0.43 -9.75
C LEU B 134 -18.61 -0.61 -8.28
N THR B 135 -19.88 -0.79 -7.96
CA THR B 135 -20.30 -0.94 -6.57
C THR B 135 -19.45 -1.97 -5.83
N GLY B 136 -19.19 -3.10 -6.48
CA GLY B 136 -18.40 -4.16 -5.87
C GLY B 136 -17.00 -3.75 -5.46
N ASP B 137 -16.44 -2.76 -6.14
CA ASP B 137 -15.10 -2.28 -5.85
C ASP B 137 -14.98 -1.58 -4.50
N THR B 138 -16.12 -1.25 -3.89
CA THR B 138 -16.09 -0.57 -2.60
C THR B 138 -16.21 -1.53 -1.42
N GLU B 139 -16.34 -2.82 -1.71
CA GLU B 139 -16.46 -3.82 -0.65
C GLU B 139 -15.18 -3.90 0.18
N PRO B 140 -15.30 -3.88 1.52
CA PRO B 140 -14.12 -3.96 2.37
C PRO B 140 -13.59 -5.40 2.38
N ALA B 141 -12.35 -5.57 2.80
CA ALA B 141 -11.74 -6.89 2.87
C ALA B 141 -12.48 -7.74 3.90
N PHE B 142 -13.09 -7.10 4.89
CA PHE B 142 -13.85 -7.79 5.92
C PHE B 142 -15.32 -7.91 5.53
N HIS B 143 -15.57 -7.72 4.24
CA HIS B 143 -16.89 -7.84 3.63
C HIS B 143 -17.98 -7.11 4.40
N ASN B 144 -19.04 -7.80 4.81
CA ASN B 144 -20.10 -7.13 5.56
C ASN B 144 -20.10 -7.48 7.02
N ASP B 145 -18.91 -7.55 7.60
CA ASP B 145 -18.78 -7.84 9.02
C ASP B 145 -18.93 -6.51 9.71
N VAL B 146 -19.55 -6.52 10.89
CA VAL B 146 -19.72 -5.30 11.65
C VAL B 146 -18.41 -5.10 12.40
N VAL B 147 -17.76 -3.97 12.16
CA VAL B 147 -16.48 -3.65 12.79
C VAL B 147 -16.49 -2.24 13.38
N THR B 148 -15.36 -1.83 13.92
CA THR B 148 -15.17 -0.49 14.48
C THR B 148 -13.85 -0.05 13.86
N TYR B 149 -13.84 -0.01 12.54
CA TYR B 149 -12.64 0.34 11.79
C TYR B 149 -12.38 1.81 11.56
N GLY B 150 -11.11 2.19 11.56
CA GLY B 150 -10.71 3.56 11.31
C GLY B 150 -11.41 4.60 12.13
N ALA B 151 -11.61 4.33 13.42
CA ALA B 151 -12.27 5.28 14.29
C ALA B 151 -11.43 6.55 14.35
N GLN B 152 -12.12 7.69 14.35
CA GLN B 152 -11.46 8.98 14.41
C GLN B 152 -12.40 9.99 15.04
N THR B 153 -11.85 11.10 15.49
CA THR B 153 -12.62 12.18 16.10
C THR B 153 -12.84 13.25 15.02
N VAL B 154 -14.09 13.69 14.91
CA VAL B 154 -14.48 14.67 13.92
C VAL B 154 -15.28 15.80 14.58
N ALA B 155 -15.01 17.05 14.21
CA ALA B 155 -15.73 18.19 14.79
C ALA B 155 -16.83 18.69 13.86
N ILE B 156 -18.07 18.58 14.31
CA ILE B 156 -19.22 19.01 13.53
C ILE B 156 -19.81 20.28 14.12
N GLY B 157 -20.16 21.22 13.27
CA GLY B 157 -20.74 22.48 13.71
C GLY B 157 -22.25 22.41 13.78
N LEU B 158 -22.80 22.55 14.99
CA LEU B 158 -24.24 22.51 15.16
C LEU B 158 -24.75 23.93 15.35
N SER B 159 -25.85 24.26 14.69
CA SER B 159 -26.40 25.61 14.81
C SER B 159 -27.91 25.60 14.63
N SER B 160 -28.52 26.73 14.94
CA SER B 160 -29.96 26.91 14.80
C SER B 160 -30.13 28.20 14.00
N GLY B 161 -29.14 28.49 13.16
CA GLY B 161 -29.17 29.69 12.35
C GLY B 161 -28.06 30.65 12.76
N GLY B 162 -27.73 30.68 14.04
CA GLY B 162 -26.67 31.56 14.52
C GLY B 162 -25.30 30.92 14.37
N ALA B 163 -24.31 31.50 15.03
CA ALA B 163 -22.94 30.99 14.98
C ALA B 163 -22.97 29.52 15.45
N PRO B 164 -22.26 28.63 14.74
CA PRO B 164 -22.21 27.22 15.09
C PRO B 164 -21.40 26.92 16.35
N GLN B 165 -21.70 25.78 16.95
CA GLN B 165 -21.00 25.32 18.13
C GLN B 165 -20.43 24.00 17.65
N TYR B 166 -19.13 23.82 17.78
CA TYR B 166 -18.50 22.60 17.31
C TYR B 166 -18.42 21.50 18.35
N MET B 167 -19.07 20.38 18.07
CA MET B 167 -19.06 19.24 18.97
C MET B 167 -18.14 18.18 18.38
N SER B 168 -17.33 17.58 19.23
CA SER B 168 -16.41 16.54 18.79
C SER B 168 -17.15 15.23 18.88
N LYS B 169 -17.37 14.59 17.75
CA LYS B 169 -18.05 13.32 17.72
C LYS B 169 -17.10 12.22 17.23
N ASN B 170 -17.39 11.00 17.64
CA ASN B 170 -16.59 9.85 17.29
C ASN B 170 -17.20 9.20 16.05
N LEU B 171 -16.38 8.96 15.03
CA LEU B 171 -16.85 8.36 13.79
C LEU B 171 -15.98 7.17 13.35
N TRP B 172 -16.62 6.14 12.81
CA TRP B 172 -15.88 4.98 12.34
C TRP B 172 -16.68 4.18 11.32
N VAL B 173 -15.97 3.36 10.54
CA VAL B 173 -16.60 2.51 9.54
C VAL B 173 -17.21 1.35 10.32
N GLU B 174 -18.52 1.21 10.22
CA GLU B 174 -19.21 0.15 10.95
C GLU B 174 -19.51 -1.08 10.10
N GLN B 175 -20.07 -0.90 8.92
CA GLN B 175 -20.40 -2.03 8.08
C GLN B 175 -20.69 -1.63 6.64
N TRP B 176 -20.45 -2.55 5.72
CA TRP B 176 -20.72 -2.33 4.31
C TRP B 176 -21.74 -3.41 3.95
N GLN B 177 -22.85 -3.01 3.34
CA GLN B 177 -23.90 -3.95 2.97
C GLN B 177 -24.51 -3.61 1.65
N ASP B 178 -24.57 -4.59 0.76
CA ASP B 178 -25.16 -4.44 -0.57
C ASP B 178 -24.84 -3.12 -1.26
N GLY B 179 -23.60 -2.67 -1.14
CA GLY B 179 -23.22 -1.42 -1.80
C GLY B 179 -23.41 -0.15 -1.01
N VAL B 180 -23.80 -0.27 0.24
CA VAL B 180 -24.00 0.90 1.08
C VAL B 180 -23.06 0.84 2.29
N LEU B 181 -22.19 1.84 2.39
CA LEU B 181 -21.23 1.91 3.49
C LEU B 181 -21.83 2.70 4.64
N ARG B 182 -21.96 2.04 5.79
CA ARG B 182 -22.51 2.65 6.97
C ARG B 182 -21.42 3.09 7.93
N LEU B 183 -21.43 4.38 8.29
CA LEU B 183 -20.46 4.97 9.22
C LEU B 183 -21.20 5.31 10.50
N ARG B 184 -20.63 4.94 11.64
CA ARG B 184 -21.26 5.25 12.91
C ARG B 184 -20.75 6.60 13.40
N VAL B 185 -21.66 7.45 13.85
CA VAL B 185 -21.31 8.78 14.36
C VAL B 185 -21.96 8.90 15.72
N GLU B 186 -21.17 9.07 16.77
CA GLU B 186 -21.74 9.18 18.10
C GLU B 186 -20.80 9.75 19.13
N GLY B 187 -21.30 9.88 20.36
CA GLY B 187 -20.50 10.39 21.47
C GLY B 187 -20.36 11.90 21.42
N GLY B 188 -19.71 12.45 22.44
CA GLY B 188 -19.50 13.89 22.49
C GLY B 188 -20.62 14.76 23.02
N GLY B 189 -21.77 14.18 23.33
CA GLY B 189 -22.89 14.97 23.83
C GLY B 189 -23.66 15.61 22.70
N SER B 190 -24.46 16.62 23.02
CA SER B 190 -25.26 17.30 21.99
C SER B 190 -25.90 18.57 22.54
N ILE B 191 -26.51 19.33 21.64
CA ILE B 191 -27.19 20.57 21.99
C ILE B 191 -28.36 20.73 21.02
N THR B 192 -29.26 21.66 21.31
CA THR B 192 -30.41 21.85 20.44
C THR B 192 -29.93 22.57 19.19
N HIS B 193 -30.31 22.03 18.02
CA HIS B 193 -29.91 22.60 16.75
C HIS B 193 -30.82 22.08 15.63
N SER B 194 -30.70 22.69 14.46
CA SER B 194 -31.49 22.30 13.31
C SER B 194 -30.60 22.04 12.10
N ASN B 195 -29.37 22.55 12.15
CA ASN B 195 -28.42 22.40 11.05
C ASN B 195 -27.07 21.90 11.56
N SER B 196 -26.30 21.31 10.64
CA SER B 196 -24.96 20.81 10.96
C SER B 196 -23.97 21.14 9.84
N LYS B 197 -22.76 21.50 10.24
CA LYS B 197 -21.67 21.81 9.32
C LYS B 197 -20.71 20.63 9.46
N TRP B 198 -20.72 19.74 8.48
CA TRP B 198 -19.81 18.60 8.53
C TRP B 198 -18.50 18.98 7.86
N PRO B 199 -17.38 18.58 8.46
CA PRO B 199 -16.08 18.89 7.88
C PRO B 199 -15.73 17.89 6.79
N ALA B 200 -14.74 18.21 5.96
CA ALA B 200 -14.30 17.26 4.94
C ALA B 200 -13.74 16.09 5.74
N MET B 201 -14.02 14.87 5.29
CA MET B 201 -13.56 13.67 5.98
C MET B 201 -13.08 12.62 4.98
N THR B 202 -12.00 11.92 5.33
CA THR B 202 -11.50 10.88 4.47
C THR B 202 -11.78 9.57 5.18
N VAL B 203 -12.50 8.69 4.49
CA VAL B 203 -12.84 7.39 5.04
C VAL B 203 -11.97 6.37 4.30
N SER B 204 -11.15 5.63 5.05
CA SER B 204 -10.28 4.63 4.45
C SER B 204 -10.48 3.29 5.11
N TYR B 205 -10.33 2.24 4.31
CA TYR B 205 -10.45 0.88 4.82
C TYR B 205 -9.89 -0.08 3.77
N PRO B 206 -9.45 -1.28 4.21
CA PRO B 206 -8.91 -2.27 3.30
C PRO B 206 -9.98 -2.74 2.33
N ARG B 207 -9.63 -2.71 1.05
CA ARG B 207 -10.51 -3.08 -0.04
C ARG B 207 -10.45 -4.58 -0.32
N SER B 208 -11.60 -5.15 -0.66
CA SER B 208 -11.72 -6.57 -0.96
C SER B 208 -11.05 -6.90 -2.29
N PHE B 209 -10.47 -8.11 -2.33
CA PHE B 209 -9.83 -8.65 -3.50
C PHE B 209 -10.31 -10.10 -3.54
N THR B 210 -10.59 -10.63 -4.72
CA THR B 210 -11.09 -11.99 -4.83
C THR B 210 -10.48 -12.76 -6.00
N GLU C 5 22.25 -44.22 -53.42
CA GLU C 5 22.03 -45.33 -52.51
C GLU C 5 20.60 -45.32 -51.97
N GLN C 6 20.40 -45.91 -50.80
CA GLN C 6 19.09 -45.96 -50.19
C GLN C 6 19.17 -45.30 -48.80
N SER C 7 20.20 -44.48 -48.59
CA SER C 7 20.38 -43.79 -47.31
C SER C 7 21.48 -42.73 -47.42
N TYR C 8 21.04 -41.48 -47.49
CA TYR C 8 21.92 -40.31 -47.58
C TYR C 8 21.02 -39.07 -47.39
N VAL C 9 21.62 -37.89 -47.29
CA VAL C 9 20.86 -36.66 -47.07
C VAL C 9 20.80 -35.78 -48.31
N ALA C 10 19.58 -35.53 -48.81
CA ALA C 10 19.40 -34.69 -49.98
C ALA C 10 19.14 -33.25 -49.54
N SER C 11 18.12 -33.06 -48.71
CA SER C 11 17.78 -31.75 -48.22
C SER C 11 17.94 -31.68 -46.72
N ALA C 12 17.86 -30.48 -46.18
CA ALA C 12 18.02 -30.29 -44.74
C ALA C 12 17.17 -29.08 -44.38
N VAL C 13 16.10 -29.30 -43.61
CA VAL C 13 15.20 -28.22 -43.20
C VAL C 13 15.81 -27.44 -42.06
N THR C 14 15.68 -26.11 -42.10
CA THR C 14 16.21 -25.23 -41.06
C THR C 14 15.65 -25.67 -39.71
N PRO C 15 16.38 -25.41 -38.61
CA PRO C 15 17.70 -24.77 -38.50
C PRO C 15 18.88 -25.53 -39.10
N LEU C 16 18.64 -26.70 -39.66
CA LEU C 16 19.70 -27.49 -40.26
C LEU C 16 19.93 -26.95 -41.66
N ARG C 17 21.16 -27.08 -42.15
CA ARG C 17 21.47 -26.64 -43.49
C ARG C 17 22.67 -27.39 -44.06
N LEU C 18 22.45 -27.99 -45.22
CA LEU C 18 23.47 -28.76 -45.90
C LEU C 18 24.01 -27.90 -47.04
N ASN C 19 25.29 -27.58 -46.97
CA ASN C 19 25.92 -26.78 -48.00
C ASN C 19 26.06 -27.66 -49.24
N SER C 20 25.37 -27.31 -50.32
CA SER C 20 25.43 -28.11 -51.54
C SER C 20 26.81 -28.31 -52.17
N SER C 21 27.75 -27.41 -51.95
CA SER C 21 29.06 -27.60 -52.55
C SER C 21 29.97 -28.50 -51.74
N THR C 22 30.28 -28.07 -50.53
CA THR C 22 31.17 -28.81 -49.65
C THR C 22 30.51 -29.99 -48.95
N LYS C 23 29.18 -29.99 -48.94
CA LYS C 23 28.38 -31.04 -48.29
C LYS C 23 28.58 -31.06 -46.77
N VAL C 24 28.86 -29.89 -46.19
CA VAL C 24 29.05 -29.82 -44.76
C VAL C 24 27.67 -29.54 -44.17
N LEU C 25 27.31 -30.28 -43.14
CA LEU C 25 26.04 -30.13 -42.48
C LEU C 25 26.21 -29.41 -41.14
N ASP C 26 25.53 -28.29 -40.97
CA ASP C 26 25.61 -27.53 -39.72
C ASP C 26 24.23 -27.07 -39.28
N MET C 27 24.18 -26.33 -38.18
CA MET C 27 22.93 -25.86 -37.64
C MET C 27 22.98 -24.38 -37.33
N LEU C 28 21.88 -23.68 -37.57
CA LEU C 28 21.80 -22.26 -37.30
C LEU C 28 21.20 -22.06 -35.91
N ILE C 29 21.93 -21.38 -35.03
CA ILE C 29 21.41 -21.13 -33.69
C ILE C 29 21.49 -19.65 -33.36
N ASP C 30 20.51 -19.17 -32.61
CA ASP C 30 20.47 -17.78 -32.20
C ASP C 30 21.44 -17.67 -31.02
N SER C 31 22.60 -17.10 -31.28
CA SER C 31 23.63 -16.95 -30.24
C SER C 31 23.23 -16.15 -29.01
N SER C 32 22.20 -15.30 -29.11
CA SER C 32 21.79 -14.52 -27.96
C SER C 32 21.03 -15.38 -26.95
N THR C 33 20.51 -16.53 -27.38
CA THR C 33 19.77 -17.43 -26.48
C THR C 33 20.37 -18.84 -26.37
N LEU C 34 21.23 -19.21 -27.32
CA LEU C 34 21.88 -20.52 -27.29
C LEU C 34 23.36 -20.40 -27.55
N GLU C 35 24.11 -21.40 -27.11
CA GLU C 35 25.55 -21.44 -27.31
C GLU C 35 26.01 -22.90 -27.37
N ILE C 36 27.25 -23.13 -27.82
CA ILE C 36 27.79 -24.49 -27.92
C ILE C 36 28.94 -24.70 -26.91
N ASN C 37 28.79 -25.70 -26.04
CA ASN C 37 29.73 -26.09 -25.01
C ASN C 37 31.15 -26.32 -25.49
N SER C 38 32.04 -26.49 -24.52
CA SER C 38 33.43 -26.80 -24.79
C SER C 38 33.40 -28.27 -25.21
N SER C 39 32.35 -28.97 -24.78
CA SER C 39 32.14 -30.38 -25.10
C SER C 39 31.36 -30.50 -26.41
N GLY C 40 31.12 -29.37 -27.07
CA GLY C 40 30.38 -29.38 -28.33
C GLY C 40 28.89 -29.61 -28.21
N GLN C 41 28.35 -29.50 -26.99
CA GLN C 41 26.93 -29.69 -26.75
C GLN C 41 26.14 -28.41 -26.99
N LEU C 42 24.87 -28.57 -27.36
CA LEU C 42 24.00 -27.42 -27.57
C LEU C 42 23.42 -27.12 -26.20
N THR C 43 23.50 -25.87 -25.78
CA THR C 43 22.99 -25.50 -24.48
C THR C 43 22.25 -24.16 -24.54
N VAL C 44 21.42 -23.90 -23.53
CA VAL C 44 20.63 -22.68 -23.45
C VAL C 44 21.41 -21.66 -22.62
N ARG C 45 21.55 -20.44 -23.13
CA ARG C 45 22.25 -19.41 -22.37
C ARG C 45 21.38 -18.98 -21.21
N SER C 46 21.85 -19.26 -19.99
CA SER C 46 21.12 -18.88 -18.80
C SER C 46 20.98 -17.36 -18.73
N THR C 47 19.79 -16.92 -18.36
CA THR C 47 19.48 -15.50 -18.25
C THR C 47 18.67 -15.31 -16.98
N SER C 48 18.90 -14.20 -16.28
CA SER C 48 18.18 -13.93 -15.05
C SER C 48 16.85 -13.25 -15.36
N PRO C 49 15.83 -13.47 -14.52
CA PRO C 49 14.51 -12.86 -14.73
C PRO C 49 14.53 -11.33 -14.73
N ASN C 50 13.74 -10.75 -15.63
CA ASN C 50 13.64 -9.29 -15.75
C ASN C 50 12.55 -8.81 -14.79
N LEU C 51 12.96 -8.09 -13.76
CA LEU C 51 12.04 -7.62 -12.74
C LEU C 51 11.93 -6.10 -12.67
N ARG C 52 10.73 -5.61 -12.40
CA ARG C 52 10.49 -4.18 -12.28
C ARG C 52 10.21 -3.83 -10.82
N TYR C 53 10.94 -2.84 -10.30
CA TYR C 53 10.73 -2.40 -8.93
C TYR C 53 9.26 -2.00 -8.83
N PRO C 54 8.59 -2.28 -7.68
CA PRO C 54 9.04 -2.94 -6.45
C PRO C 54 9.37 -4.43 -6.48
N ILE C 55 9.08 -5.12 -7.57
CA ILE C 55 9.42 -6.55 -7.65
C ILE C 55 10.93 -6.58 -7.81
N ALA C 56 11.59 -7.45 -7.06
CA ALA C 56 13.04 -7.49 -7.11
C ALA C 56 13.60 -8.83 -6.72
N ASP C 57 14.91 -8.96 -6.83
CA ASP C 57 15.60 -10.19 -6.46
C ASP C 57 15.91 -10.15 -4.97
N VAL C 58 15.07 -10.78 -4.17
CA VAL C 58 15.28 -10.81 -2.75
C VAL C 58 15.72 -12.21 -2.38
N SER C 59 16.91 -12.32 -1.81
CA SER C 59 17.44 -13.61 -1.40
C SER C 59 17.40 -14.63 -2.55
N GLY C 60 17.80 -14.20 -3.74
CA GLY C 60 17.81 -15.09 -4.89
C GLY C 60 16.46 -15.33 -5.53
N GLY C 61 15.41 -15.41 -4.72
CA GLY C 61 14.09 -15.62 -5.26
C GLY C 61 13.51 -14.30 -5.74
N ILE C 62 12.29 -14.36 -6.25
CA ILE C 62 11.63 -13.16 -6.73
C ILE C 62 10.76 -12.72 -5.56
N GLY C 63 11.05 -11.52 -5.04
CA GLY C 63 10.30 -11.02 -3.92
C GLY C 63 9.98 -9.54 -4.06
N MET C 64 9.70 -8.92 -2.93
CA MET C 64 9.36 -7.50 -2.87
C MET C 64 10.52 -6.72 -2.28
N SER C 65 10.91 -5.65 -2.96
CA SER C 65 12.01 -4.81 -2.52
C SER C 65 11.73 -4.25 -1.13
N PRO C 66 12.66 -4.47 -0.19
CA PRO C 66 12.48 -3.95 1.17
C PRO C 66 12.49 -2.42 1.23
N ASN C 67 13.05 -1.77 0.21
CA ASN C 67 13.08 -0.31 0.14
C ASN C 67 11.67 0.20 -0.03
N TYR C 68 10.91 -0.52 -0.84
CA TYR C 68 9.53 -0.19 -1.15
C TYR C 68 8.66 -0.36 0.08
N ARG C 69 8.95 -1.42 0.83
CA ARG C 69 8.19 -1.74 2.03
C ARG C 69 8.37 -0.76 3.18
N PHE C 70 9.59 -0.23 3.34
CA PHE C 70 9.87 0.75 4.38
C PHE C 70 11.13 1.55 4.10
N ARG C 71 11.00 2.86 4.21
CA ARG C 71 12.11 3.76 3.99
C ARG C 71 11.89 4.92 4.92
N GLN C 72 12.96 5.37 5.55
CA GLN C 72 12.85 6.46 6.50
C GLN C 72 13.87 7.53 6.23
N SER C 73 13.51 8.75 6.55
CA SER C 73 14.39 9.90 6.36
C SER C 73 13.76 11.02 7.16
N MET C 74 14.24 12.25 6.97
CA MET C 74 13.65 13.36 7.69
C MET C 74 13.82 14.67 6.95
N TRP C 75 12.95 15.61 7.29
CA TRP C 75 12.93 16.93 6.67
C TRP C 75 13.11 17.97 7.76
N ILE C 76 14.08 18.85 7.54
CA ILE C 76 14.36 19.95 8.46
C ILE C 76 14.13 21.14 7.57
N GLY C 77 12.89 21.62 7.56
CA GLY C 77 12.59 22.75 6.70
C GLY C 77 11.62 23.75 7.28
N ILE C 78 11.13 24.61 6.39
CA ILE C 78 10.22 25.68 6.74
C ILE C 78 8.76 25.40 6.44
N VAL C 79 7.94 25.58 7.46
CA VAL C 79 6.50 25.41 7.35
C VAL C 79 6.00 26.84 7.39
N SER C 80 5.22 27.26 6.41
CA SER C 80 4.73 28.62 6.39
C SER C 80 3.23 28.70 6.28
N TYR C 81 2.63 29.57 7.09
CA TYR C 81 1.20 29.77 7.09
C TYR C 81 0.88 31.05 6.34
N SER C 82 -0.22 30.98 5.60
CA SER C 82 -0.69 32.09 4.80
C SER C 82 -2.22 32.14 4.88
N GLY C 83 -2.75 33.31 5.22
CA GLY C 83 -4.19 33.50 5.34
C GLY C 83 -4.49 34.97 5.17
N SER C 84 -5.75 35.36 5.33
CA SER C 84 -6.13 36.75 5.17
C SER C 84 -5.39 37.65 6.17
N GLY C 85 -4.52 38.52 5.64
CA GLY C 85 -3.76 39.43 6.47
C GLY C 85 -2.66 38.79 7.31
N LEU C 86 -2.37 37.51 7.04
CA LEU C 86 -1.36 36.79 7.81
C LEU C 86 -0.34 36.10 6.93
N ASN C 87 0.87 35.99 7.46
CA ASN C 87 1.96 35.32 6.76
C ASN C 87 3.09 35.13 7.74
N TRP C 88 3.38 33.87 8.09
CA TRP C 88 4.48 33.60 9.02
C TRP C 88 5.08 32.23 8.73
N ARG C 89 6.24 31.94 9.31
CA ARG C 89 6.89 30.67 9.06
C ARG C 89 7.66 30.20 10.27
N VAL C 90 7.79 28.88 10.39
CA VAL C 90 8.47 28.23 11.51
C VAL C 90 9.34 27.13 10.94
N GLN C 91 10.48 26.86 11.58
CA GLN C 91 11.35 25.79 11.14
C GLN C 91 10.88 24.57 11.91
N VAL C 92 10.79 23.43 11.24
CA VAL C 92 10.31 22.21 11.86
C VAL C 92 11.19 21.03 11.50
N ASN C 93 11.26 20.06 12.41
CA ASN C 93 12.04 18.83 12.20
C ASN C 93 11.05 17.68 12.20
N SER C 94 10.82 17.09 11.03
CA SER C 94 9.88 15.98 10.96
C SER C 94 10.42 14.73 10.30
N ASP C 95 9.98 13.59 10.81
CA ASP C 95 10.39 12.31 10.28
C ASP C 95 9.55 12.04 9.04
N ILE C 96 10.14 11.35 8.08
CA ILE C 96 9.48 11.00 6.85
C ILE C 96 9.48 9.48 6.76
N PHE C 97 8.32 8.89 6.50
CA PHE C 97 8.23 7.45 6.38
C PHE C 97 7.53 7.09 5.07
N ILE C 98 8.24 6.34 4.23
CA ILE C 98 7.67 5.89 2.96
C ILE C 98 7.42 4.41 3.17
N VAL C 99 6.14 4.04 3.19
CA VAL C 99 5.75 2.63 3.37
C VAL C 99 4.84 2.29 2.21
N ASP C 100 5.27 1.34 1.40
CA ASP C 100 4.50 0.92 0.22
C ASP C 100 4.34 2.17 -0.66
N ASP C 101 3.14 2.41 -1.17
CA ASP C 101 2.93 3.58 -2.02
C ASP C 101 2.45 4.82 -1.26
N TYR C 102 2.83 4.94 0.00
CA TYR C 102 2.42 6.08 0.80
C TYR C 102 3.62 6.78 1.40
N ILE C 103 3.49 8.08 1.57
CA ILE C 103 4.54 8.87 2.20
C ILE C 103 3.86 9.45 3.43
N HIS C 104 4.58 9.48 4.54
CA HIS C 104 4.04 9.99 5.80
C HIS C 104 4.97 11.05 6.35
N ILE C 105 4.47 12.28 6.45
CA ILE C 105 5.25 13.37 7.01
C ILE C 105 4.78 13.52 8.45
N CYS C 106 5.62 13.12 9.40
CA CYS C 106 5.26 13.21 10.79
C CYS C 106 5.71 14.54 11.40
N LEU C 107 4.84 15.53 11.31
CA LEU C 107 5.13 16.85 11.85
C LEU C 107 5.00 16.86 13.38
N PRO C 108 5.93 17.55 14.07
CA PRO C 108 5.89 17.64 15.53
C PRO C 108 5.03 18.82 15.93
N ALA C 109 4.71 18.93 17.22
CA ALA C 109 3.92 20.05 17.69
C ALA C 109 4.80 21.29 17.56
N PHE C 110 4.22 22.42 17.20
CA PHE C 110 4.99 23.65 17.06
C PHE C 110 4.14 24.86 17.40
N ASP C 111 4.80 25.98 17.59
CA ASP C 111 4.11 27.23 17.92
C ASP C 111 4.13 28.15 16.72
N GLY C 112 2.97 28.73 16.42
CA GLY C 112 2.85 29.64 15.31
C GLY C 112 2.22 30.93 15.78
N PHE C 113 1.74 31.73 14.84
CA PHE C 113 1.12 32.99 15.18
C PHE C 113 -0.36 32.97 14.84
N SER C 114 -0.94 34.14 14.58
CA SER C 114 -2.35 34.23 14.25
C SER C 114 -2.72 33.44 13.01
N ILE C 115 -3.94 32.92 12.98
CA ILE C 115 -4.43 32.17 11.84
C ILE C 115 -5.81 32.71 11.52
N ALA C 116 -6.17 32.70 10.24
CA ALA C 116 -7.47 33.17 9.80
C ALA C 116 -8.43 31.98 9.83
N ASP C 117 -9.69 32.22 9.53
CA ASP C 117 -10.67 31.12 9.53
C ASP C 117 -10.24 30.09 8.48
N GLY C 118 -9.74 30.60 7.36
CA GLY C 118 -9.27 29.75 6.29
C GLY C 118 -7.88 30.18 5.89
N GLY C 119 -6.99 29.21 5.71
CA GLY C 119 -5.63 29.52 5.32
C GLY C 119 -4.92 28.29 4.78
N ASP C 120 -3.69 28.47 4.37
CA ASP C 120 -2.89 27.38 3.83
C ASP C 120 -1.61 27.23 4.62
N LEU C 121 -1.23 25.98 4.85
CA LEU C 121 -0.02 25.66 5.56
C LEU C 121 0.86 24.98 4.52
N SER C 122 1.99 25.60 4.19
CA SER C 122 2.88 25.06 3.18
C SER C 122 4.18 24.47 3.69
N LEU C 123 4.46 23.24 3.26
CA LEU C 123 5.69 22.57 3.63
C LEU C 123 6.61 22.72 2.43
N ASN C 124 7.76 23.37 2.63
CA ASN C 124 8.71 23.57 1.55
C ASN C 124 9.72 22.45 1.46
N PHE C 125 9.48 21.54 0.50
CA PHE C 125 10.36 20.39 0.31
C PHE C 125 11.51 20.65 -0.65
N VAL C 126 11.55 21.85 -1.22
CA VAL C 126 12.62 22.22 -2.14
C VAL C 126 13.96 22.09 -1.40
N THR C 127 13.92 22.33 -0.10
CA THR C 127 15.11 22.26 0.75
C THR C 127 14.73 21.60 2.09
N GLY C 128 15.68 20.94 2.73
CA GLY C 128 15.40 20.33 4.02
C GLY C 128 15.45 18.82 4.06
N LEU C 129 15.39 18.19 2.89
CA LEU C 129 15.42 16.73 2.83
C LEU C 129 16.82 16.13 2.93
N LEU C 130 16.95 15.15 3.80
CA LEU C 130 18.21 14.45 4.04
C LEU C 130 18.47 13.51 2.86
N PRO C 131 19.61 13.67 2.17
CA PRO C 131 19.90 12.79 1.03
C PRO C 131 19.93 11.33 1.50
N PRO C 132 19.76 10.36 0.58
CA PRO C 132 19.53 10.51 -0.87
C PRO C 132 18.08 10.82 -1.27
N LEU C 133 17.32 11.40 -0.36
CA LEU C 133 15.93 11.76 -0.63
C LEU C 133 15.92 13.08 -1.39
N LEU C 134 14.98 13.21 -2.32
CA LEU C 134 14.88 14.43 -3.13
C LEU C 134 13.48 15.01 -3.18
N THR C 135 13.41 16.28 -3.54
CA THR C 135 12.14 16.99 -3.65
C THR C 135 11.11 16.19 -4.45
N GLY C 136 11.55 15.59 -5.55
CA GLY C 136 10.65 14.81 -6.39
C GLY C 136 9.99 13.65 -5.70
N ASP C 137 10.65 13.11 -4.67
CA ASP C 137 10.11 11.97 -3.93
C ASP C 137 8.88 12.30 -3.11
N THR C 138 8.57 13.59 -2.97
CA THR C 138 7.40 13.99 -2.20
C THR C 138 6.17 14.22 -3.07
N GLU C 139 6.33 14.06 -4.38
CA GLU C 139 5.21 14.28 -5.29
C GLU C 139 4.11 13.24 -5.07
N PRO C 140 2.86 13.68 -4.98
CA PRO C 140 1.75 12.74 -4.77
C PRO C 140 1.45 12.01 -6.07
N ALA C 141 0.76 10.89 -5.97
CA ALA C 141 0.39 10.10 -7.15
C ALA C 141 -0.54 10.93 -8.05
N PHE C 142 -1.29 11.84 -7.45
CA PHE C 142 -2.20 12.71 -8.20
C PHE C 142 -1.49 14.00 -8.63
N HIS C 143 -0.16 13.98 -8.52
CA HIS C 143 0.72 15.08 -8.89
C HIS C 143 0.38 16.44 -8.32
N ASN C 144 -0.04 17.36 -9.18
CA ASN C 144 -0.36 18.71 -8.74
C ASN C 144 -1.84 19.02 -8.95
N ASP C 145 -2.66 17.99 -8.79
CA ASP C 145 -4.09 18.16 -8.94
C ASP C 145 -4.58 18.69 -7.61
N VAL C 146 -5.58 19.57 -7.66
CA VAL C 146 -6.12 20.11 -6.43
C VAL C 146 -7.13 19.08 -5.93
N VAL C 147 -6.91 18.59 -4.72
CA VAL C 147 -7.77 17.57 -4.13
C VAL C 147 -8.16 17.96 -2.70
N THR C 148 -8.89 17.07 -2.04
CA THR C 148 -9.32 17.25 -0.65
C THR C 148 -8.97 15.91 -0.02
N TYR C 149 -7.68 15.59 -0.07
CA TYR C 149 -7.19 14.32 0.43
C TYR C 149 -6.85 14.26 1.91
N GLY C 150 -7.09 13.10 2.51
CA GLY C 150 -6.78 12.88 3.91
C GLY C 150 -7.29 13.93 4.87
N ALA C 151 -8.52 14.38 4.66
CA ALA C 151 -9.11 15.39 5.53
C ALA C 151 -9.21 14.81 6.94
N GLN C 152 -8.91 15.64 7.92
CA GLN C 152 -8.97 15.25 9.32
C GLN C 152 -9.24 16.47 10.17
N THR C 153 -9.67 16.23 11.40
CA THR C 153 -9.97 17.29 12.36
C THR C 153 -8.75 17.43 13.27
N VAL C 154 -8.31 18.66 13.47
CA VAL C 154 -7.14 18.96 14.29
C VAL C 154 -7.47 20.07 15.28
N ALA C 155 -7.03 19.93 16.52
CA ALA C 155 -7.29 20.94 17.55
C ALA C 155 -6.09 21.86 17.77
N ILE C 156 -6.26 23.13 17.47
CA ILE C 156 -5.19 24.13 17.61
C ILE C 156 -5.49 25.04 18.78
N GLY C 157 -4.46 25.32 19.58
CA GLY C 157 -4.63 26.18 20.73
C GLY C 157 -4.37 27.64 20.38
N LEU C 158 -5.38 28.48 20.50
CA LEU C 158 -5.24 29.89 20.21
C LEU C 158 -5.14 30.66 21.52
N SER C 159 -4.21 31.60 21.60
CA SER C 159 -4.05 32.39 22.80
C SER C 159 -3.54 33.78 22.50
N SER C 160 -3.56 34.62 23.52
CA SER C 160 -3.09 36.00 23.42
C SER C 160 -2.12 36.18 24.58
N GLY C 161 -1.50 35.07 24.99
CA GLY C 161 -0.57 35.12 26.11
C GLY C 161 -1.09 34.31 27.28
N GLY C 162 -2.41 34.31 27.46
CA GLY C 162 -3.01 33.56 28.56
C GLY C 162 -3.24 32.11 28.19
N ALA C 163 -4.04 31.41 28.99
CA ALA C 163 -4.35 30.00 28.73
C ALA C 163 -4.98 29.91 27.34
N PRO C 164 -4.55 28.90 26.55
CA PRO C 164 -5.07 28.71 25.19
C PRO C 164 -6.50 28.18 25.15
N GLN C 165 -7.15 28.45 24.03
CA GLN C 165 -8.52 28.06 23.72
C GLN C 165 -8.38 27.12 22.52
N TYR C 166 -8.76 25.84 22.66
CA TYR C 166 -8.60 24.93 21.54
C TYR C 166 -9.74 24.92 20.56
N MET C 167 -9.45 25.30 19.32
CA MET C 167 -10.42 25.33 18.24
C MET C 167 -10.21 24.10 17.37
N SER C 168 -11.30 23.45 16.99
CA SER C 168 -11.21 22.29 16.13
C SER C 168 -11.28 22.80 14.69
N LYS C 169 -10.21 22.62 13.95
CA LYS C 169 -10.18 23.06 12.57
C LYS C 169 -10.05 21.87 11.64
N ASN C 170 -10.53 22.03 10.42
CA ASN C 170 -10.50 20.99 9.42
C ASN C 170 -9.24 21.17 8.57
N LEU C 171 -8.47 20.10 8.42
CA LEU C 171 -7.24 20.14 7.64
C LEU C 171 -7.14 19.02 6.62
N TRP C 172 -6.60 19.33 5.45
CA TRP C 172 -6.45 18.32 4.40
C TRP C 172 -5.37 18.70 3.40
N VAL C 173 -4.88 17.69 2.67
CA VAL C 173 -3.88 17.91 1.64
C VAL C 173 -4.62 18.49 0.45
N GLU C 174 -4.25 19.70 0.06
CA GLU C 174 -4.92 20.36 -1.05
C GLU C 174 -4.19 20.24 -2.39
N GLN C 175 -2.90 20.52 -2.39
CA GLN C 175 -2.13 20.44 -3.63
C GLN C 175 -0.63 20.45 -3.39
N TRP C 176 0.09 19.84 -4.32
CA TRP C 176 1.55 19.80 -4.27
C TRP C 176 1.99 20.50 -5.55
N GLN C 177 2.86 21.49 -5.44
CA GLN C 177 3.30 22.16 -6.64
C GLN C 177 4.75 22.60 -6.51
N ASP C 178 5.55 22.20 -7.49
CA ASP C 178 6.97 22.54 -7.52
C ASP C 178 7.72 22.28 -6.21
N GLY C 179 7.42 21.18 -5.55
CA GLY C 179 8.12 20.85 -4.32
C GLY C 179 7.56 21.44 -3.04
N VAL C 180 6.41 22.10 -3.14
CA VAL C 180 5.78 22.68 -1.97
C VAL C 180 4.41 22.06 -1.76
N LEU C 181 4.22 21.43 -0.62
CA LEU C 181 2.96 20.79 -0.28
C LEU C 181 2.06 21.76 0.47
N ARG C 182 0.91 22.05 -0.11
CA ARG C 182 -0.04 22.98 0.48
C ARG C 182 -1.17 22.23 1.18
N LEU C 183 -1.35 22.55 2.47
CA LEU C 183 -2.40 21.94 3.29
C LEU C 183 -3.44 23.02 3.59
N ARG C 184 -4.71 22.68 3.43
CA ARG C 184 -5.77 23.64 3.70
C ARG C 184 -6.18 23.49 5.16
N VAL C 185 -6.32 24.62 5.86
CA VAL C 185 -6.74 24.62 7.25
C VAL C 185 -7.90 25.60 7.36
N GLU C 186 -9.07 25.12 7.75
CA GLU C 186 -10.22 26.01 7.84
C GLU C 186 -11.36 25.44 8.67
N GLY C 187 -12.33 26.30 8.97
CA GLY C 187 -13.49 25.87 9.74
C GLY C 187 -13.38 26.24 11.21
N GLY C 188 -14.20 25.59 12.04
CA GLY C 188 -14.19 25.79 13.48
C GLY C 188 -14.39 27.18 14.09
N GLY C 189 -14.52 28.22 13.27
CA GLY C 189 -14.71 29.55 13.83
C GLY C 189 -13.40 30.07 14.40
N SER C 190 -13.41 31.32 14.85
CA SER C 190 -12.17 31.90 15.39
C SER C 190 -12.36 32.92 16.51
N ILE C 191 -11.34 33.02 17.36
CA ILE C 191 -11.33 33.95 18.47
C ILE C 191 -10.12 34.87 18.27
N THR C 192 -10.16 36.04 18.90
CA THR C 192 -9.03 36.96 18.79
C THR C 192 -7.85 36.31 19.50
N HIS C 193 -6.70 36.30 18.81
CA HIS C 193 -5.48 35.70 19.35
C HIS C 193 -4.27 36.22 18.58
N SER C 194 -3.09 35.92 19.12
CA SER C 194 -1.85 36.33 18.49
C SER C 194 -0.90 35.15 18.32
N ASN C 195 -1.17 34.07 19.05
CA ASN C 195 -0.34 32.87 19.00
C ASN C 195 -1.18 31.62 18.81
N SER C 196 -0.53 30.56 18.36
CA SER C 196 -1.19 29.28 18.13
C SER C 196 -0.30 28.11 18.53
N LYS C 197 -0.94 27.11 19.13
CA LYS C 197 -0.25 25.91 19.57
C LYS C 197 -0.74 24.83 18.61
N TRP C 198 0.11 24.44 17.66
CA TRP C 198 -0.27 23.41 16.71
C TRP C 198 0.13 22.05 17.27
N PRO C 199 -0.75 21.05 17.15
CA PRO C 199 -0.44 19.72 17.67
C PRO C 199 0.41 18.96 16.66
N ALA C 200 1.03 17.87 17.10
CA ALA C 200 1.80 17.04 16.17
C ALA C 200 0.76 16.51 15.19
N MET C 201 1.12 16.47 13.91
CA MET C 201 0.20 15.99 12.87
C MET C 201 0.94 15.12 11.87
N THR C 202 0.29 14.06 11.41
CA THR C 202 0.89 13.20 10.41
C THR C 202 0.11 13.42 9.13
N VAL C 203 0.82 13.79 8.08
CA VAL C 203 0.22 14.03 6.78
C VAL C 203 0.61 12.86 5.89
N SER C 204 -0.38 12.14 5.38
CA SER C 204 -0.11 10.99 4.52
C SER C 204 -0.86 11.12 3.22
N TYR C 205 -0.25 10.61 2.16
CA TYR C 205 -0.86 10.62 0.84
C TYR C 205 -0.10 9.68 -0.07
N PRO C 206 -0.77 9.16 -1.12
CA PRO C 206 -0.12 8.26 -2.07
C PRO C 206 1.01 8.98 -2.80
N ARG C 207 2.17 8.33 -2.79
CA ARG C 207 3.37 8.85 -3.41
C ARG C 207 3.46 8.48 -4.90
N SER C 208 3.98 9.40 -5.68
CA SER C 208 4.13 9.21 -7.12
C SER C 208 5.22 8.19 -7.42
N PHE C 209 4.93 7.27 -8.35
CA PHE C 209 5.87 6.22 -8.72
C PHE C 209 6.22 6.18 -10.21
N THR C 210 7.33 5.53 -10.52
CA THR C 210 7.80 5.37 -11.88
C THR C 210 7.63 6.64 -12.72
#